data_6GII
#
_entry.id   6GII
#
_cell.length_a   53.292
_cell.length_b   74.384
_cell.length_c   105.013
_cell.angle_alpha   90.000
_cell.angle_beta   90.000
_cell.angle_gamma   90.000
#
_symmetry.space_group_name_H-M   'P 21 21 21'
#
loop_
_entity.id
_entity.type
_entity.pdbx_description
1 polymer 'Cytochrome P450'
2 non-polymer 'PROTOPORPHYRIN IX CONTAINING FE'
3 water water
#
_entity_poly.entity_id   1
_entity_poly.type   'polypeptide(L)'
_entity_poly.pdbx_seq_one_letter_code
;MGSSHHHHHHSSGLVPRGSHMASMTGGQQMGRGSMETELKETARGTCPVAHGGQSSVGGCPVHRLAEDFDPFQDAYMADP
AQFVRWAREQVPIFYAPKLNYWVVTRYDTIKQIFRDPVTFSPSNVLQSFAQPSAEVRQVLERYGYAFNRTLVNEDEPMHL
ERRRVLMEPFASEHLAEHEPMVRELVRRAVNRFIDTGRADLVDQMIWEVPFTVALHFLGVDDDDREKMRRFAIAHTVNAF
GRPSPEEQLAVAETVGQFWQFCGEVLEKMRRTADGPGWMRYSIRQQKLYPDVVTDSYLHSMMQAIIVAAHETTVFATTNA
LKTLLEHETVWREICADPSLIPAAAEECLRYNGPVAGWRRRTTREVEVEGVRLPVGANILMVVASANHDSAHFDDPEFFD
IGRSNASEHLNFGYGAHQCLGRNLGRMEMQIMIEELSRRLPHMRLAEQRFDYLHNVSFRAPRHLWVEWDPAQNPERRDP
;
_entity_poly.pdbx_strand_id   A
#
loop_
_chem_comp.id
_chem_comp.type
_chem_comp.name
_chem_comp.formula
HEM non-polymer 'PROTOPORPHYRIN IX CONTAINING FE' 'C34 H32 Fe N4 O4'
#
# COMPACT_ATOMS: atom_id res chain seq x y z
N VAL A 62 -7.24 15.40 -27.86
CA VAL A 62 -6.31 14.50 -27.19
C VAL A 62 -5.17 15.32 -26.59
N HIS A 63 -4.75 16.37 -27.31
CA HIS A 63 -3.77 17.29 -26.74
C HIS A 63 -4.34 18.02 -25.54
N ARG A 64 -5.64 18.37 -25.61
CA ARG A 64 -6.28 19.05 -24.49
C ARG A 64 -6.32 18.15 -23.26
N LEU A 65 -6.60 16.87 -23.46
CA LEU A 65 -6.65 15.93 -22.34
C LEU A 65 -5.30 15.87 -21.62
N ALA A 66 -4.21 15.84 -22.38
CA ALA A 66 -2.89 15.82 -21.76
C ALA A 66 -2.63 17.10 -20.99
N GLU A 67 -2.92 18.25 -21.61
CA GLU A 67 -2.67 19.53 -20.96
C GLU A 67 -3.51 19.70 -19.71
N ASP A 68 -4.76 19.21 -19.73
CA ASP A 68 -5.66 19.36 -18.59
C ASP A 68 -5.49 18.27 -17.54
N PHE A 69 -4.68 17.25 -17.81
CA PHE A 69 -4.63 16.10 -16.92
C PHE A 69 -4.34 16.52 -15.48
N ASP A 70 -5.21 16.09 -14.57
CA ASP A 70 -5.13 16.47 -13.17
C ASP A 70 -5.68 15.30 -12.36
N PRO A 71 -4.82 14.51 -11.72
CA PRO A 71 -5.32 13.34 -10.96
C PRO A 71 -6.01 13.70 -9.66
N PHE A 72 -5.90 14.94 -9.19
CA PHE A 72 -6.46 15.33 -7.91
C PHE A 72 -7.95 15.67 -8.09
N GLN A 73 -8.72 14.64 -8.38
CA GLN A 73 -10.16 14.78 -8.55
C GLN A 73 -10.81 13.40 -8.45
N ASP A 74 -12.09 13.41 -8.11
CA ASP A 74 -12.78 12.16 -7.78
C ASP A 74 -12.70 11.15 -8.91
N ALA A 75 -12.76 11.60 -10.17
CA ALA A 75 -12.84 10.66 -11.28
C ALA A 75 -11.57 9.82 -11.38
N TYR A 76 -10.40 10.43 -11.14
CA TYR A 76 -9.15 9.68 -11.17
C TYR A 76 -9.08 8.69 -10.01
N MET A 77 -9.53 9.09 -8.82
CA MET A 77 -9.49 8.19 -7.68
C MET A 77 -10.48 7.04 -7.85
N ALA A 78 -11.70 7.34 -8.27
CA ALA A 78 -12.74 6.31 -8.29
C ALA A 78 -12.48 5.28 -9.40
N ASP A 79 -12.10 5.72 -10.60
CA ASP A 79 -11.91 4.82 -11.74
C ASP A 79 -10.79 5.37 -12.61
N PRO A 80 -9.54 5.29 -12.13
CA PRO A 80 -8.42 5.82 -12.93
C PRO A 80 -8.25 5.13 -14.25
N ALA A 81 -8.52 3.82 -14.33
CA ALA A 81 -8.39 3.10 -15.59
C ALA A 81 -9.32 3.69 -16.65
N GLN A 82 -10.55 4.02 -16.28
CA GLN A 82 -11.44 4.69 -17.22
C GLN A 82 -10.97 6.12 -17.47
N PHE A 83 -10.46 6.77 -16.44
CA PHE A 83 -10.11 8.19 -16.54
C PHE A 83 -9.03 8.42 -17.59
N VAL A 84 -8.10 7.48 -17.75
CA VAL A 84 -7.02 7.62 -18.73
C VAL A 84 -7.16 6.62 -19.88
N ARG A 85 -8.34 6.03 -20.07
CA ARG A 85 -8.50 5.08 -21.17
C ARG A 85 -8.14 5.70 -22.51
N TRP A 86 -8.40 7.01 -22.68
CA TRP A 86 -8.03 7.68 -23.92
C TRP A 86 -6.53 7.55 -24.19
N ALA A 87 -5.72 7.63 -23.13
CA ALA A 87 -4.28 7.54 -23.27
C ALA A 87 -3.82 6.11 -23.46
N ARG A 88 -4.39 5.18 -22.69
CA ARG A 88 -4.03 3.78 -22.84
C ARG A 88 -4.26 3.31 -24.27
N GLU A 89 -5.33 3.81 -24.90
CA GLU A 89 -5.68 3.35 -26.25
C GLU A 89 -4.91 4.07 -27.35
N GLN A 90 -4.59 5.36 -27.18
CA GLN A 90 -4.01 6.13 -28.28
C GLN A 90 -2.80 7.01 -27.91
N VAL A 91 -2.51 7.23 -26.64
CA VAL A 91 -1.44 8.14 -26.23
C VAL A 91 -0.65 7.48 -25.11
N PRO A 92 0.22 6.51 -25.42
CA PRO A 92 0.89 5.74 -24.35
C PRO A 92 1.88 6.54 -23.53
N ILE A 93 2.21 7.78 -23.90
CA ILE A 93 2.99 8.65 -23.02
C ILE A 93 2.61 10.08 -23.35
N PHE A 94 2.32 10.87 -22.33
CA PHE A 94 2.06 12.28 -22.53
C PHE A 94 2.58 13.07 -21.34
N TYR A 95 2.85 14.35 -21.58
CA TYR A 95 3.34 15.25 -20.55
C TYR A 95 2.17 15.99 -19.93
N ALA A 96 2.11 15.97 -18.60
CA ALA A 96 1.05 16.62 -17.84
C ALA A 96 1.62 17.89 -17.23
N PRO A 97 1.42 19.06 -17.86
CA PRO A 97 2.00 20.30 -17.31
C PRO A 97 1.60 20.58 -15.87
N LYS A 98 0.33 20.38 -15.51
CA LYS A 98 -0.09 20.67 -14.14
C LYS A 98 0.76 19.94 -13.12
N LEU A 99 1.33 18.79 -13.49
CA LEU A 99 2.14 18.01 -12.56
C LEU A 99 3.64 18.14 -12.82
N ASN A 100 4.05 18.58 -14.00
CA ASN A 100 5.42 18.37 -14.47
C ASN A 100 5.79 16.89 -14.36
N TYR A 101 4.86 16.03 -14.79
CA TYR A 101 5.06 14.60 -14.86
C TYR A 101 4.78 14.11 -16.27
N TRP A 102 5.52 13.10 -16.71
CA TRP A 102 5.14 12.30 -17.86
C TRP A 102 4.30 11.13 -17.37
N VAL A 103 3.27 10.78 -18.14
CA VAL A 103 2.26 9.83 -17.69
C VAL A 103 2.20 8.68 -18.67
N VAL A 104 2.37 7.47 -18.17
CA VAL A 104 2.26 6.25 -18.96
C VAL A 104 1.15 5.39 -18.39
N THR A 105 0.50 4.65 -19.28
CA THR A 105 -0.79 4.03 -18.96
C THR A 105 -0.90 2.58 -19.41
N ARG A 106 0.07 2.04 -20.13
CA ARG A 106 -0.02 0.69 -20.66
C ARG A 106 0.80 -0.28 -19.83
N TYR A 107 0.33 -1.53 -19.81
CA TYR A 107 0.97 -2.59 -19.05
C TYR A 107 2.42 -2.77 -19.49
N ASP A 108 2.66 -2.93 -20.79
N ASP A 108 2.65 -2.93 -20.80
CA ASP A 108 4.02 -3.20 -21.24
CA ASP A 108 3.99 -3.17 -21.31
C ASP A 108 4.95 -2.02 -20.94
C ASP A 108 4.93 -2.02 -20.96
N THR A 109 4.45 -0.78 -21.09
CA THR A 109 5.29 0.37 -20.79
C THR A 109 5.67 0.40 -19.32
N ILE A 110 4.67 0.21 -18.47
CA ILE A 110 4.91 0.30 -17.04
C ILE A 110 5.85 -0.81 -16.58
N LYS A 111 5.68 -2.02 -17.12
CA LYS A 111 6.63 -3.09 -16.84
C LYS A 111 8.04 -2.69 -17.22
N GLN A 112 8.19 -2.07 -18.39
CA GLN A 112 9.51 -1.66 -18.87
C GLN A 112 10.20 -0.71 -17.90
N ILE A 113 9.45 0.24 -17.36
CA ILE A 113 10.01 1.20 -16.42
C ILE A 113 10.36 0.52 -15.10
N PHE A 114 9.44 -0.27 -14.55
CA PHE A 114 9.73 -1.02 -13.33
C PHE A 114 10.99 -1.86 -13.46
N ARG A 115 11.23 -2.42 -14.64
CA ARG A 115 12.25 -3.44 -14.79
C ARG A 115 13.68 -2.91 -14.65
N ASP A 116 13.88 -1.61 -14.77
CA ASP A 116 15.22 -1.01 -14.73
C ASP A 116 15.30 -0.04 -13.57
N PRO A 117 15.77 -0.49 -12.40
CA PRO A 117 15.80 0.40 -11.22
C PRO A 117 16.91 1.44 -11.27
N VAL A 118 17.89 1.30 -12.15
CA VAL A 118 18.97 2.29 -12.21
C VAL A 118 18.56 3.48 -13.06
N THR A 119 18.05 3.21 -14.26
CA THR A 119 17.59 4.28 -15.13
C THR A 119 16.34 4.97 -14.58
N PHE A 120 15.41 4.19 -14.03
CA PHE A 120 14.17 4.71 -13.48
C PHE A 120 14.24 4.55 -11.97
N SER A 121 14.61 5.62 -11.29
CA SER A 121 14.84 5.64 -9.86
C SER A 121 13.51 5.78 -9.12
N PRO A 122 13.37 5.12 -7.96
CA PRO A 122 12.15 5.31 -7.16
C PRO A 122 12.25 6.49 -6.21
N SER A 123 13.15 7.44 -6.47
CA SER A 123 13.44 8.51 -5.52
C SER A 123 12.22 9.40 -5.24
N ASN A 124 11.27 9.48 -6.17
CA ASN A 124 10.10 10.34 -6.02
C ASN A 124 8.84 9.60 -5.55
N VAL A 125 8.98 8.34 -5.14
CA VAL A 125 7.81 7.52 -4.82
C VAL A 125 7.01 8.13 -3.68
N LEU A 126 7.69 8.76 -2.72
CA LEU A 126 7.05 9.32 -1.53
C LEU A 126 7.05 10.85 -1.52
N GLN A 127 7.24 11.49 -2.67
CA GLN A 127 7.36 12.95 -2.75
C GLN A 127 5.98 13.58 -2.86
N SER A 128 5.62 14.39 -1.88
CA SER A 128 4.34 15.09 -1.90
C SER A 128 4.29 16.14 -2.99
N PHE A 129 3.08 16.58 -3.31
CA PHE A 129 2.87 17.68 -4.25
C PHE A 129 2.57 19.00 -3.55
N ALA A 130 2.69 19.06 -2.23
CA ALA A 130 2.61 20.33 -1.54
C ALA A 130 3.96 21.02 -1.57
N GLN A 131 3.94 22.35 -1.54
CA GLN A 131 5.19 23.09 -1.46
C GLN A 131 5.90 22.72 -0.15
N PRO A 132 7.23 22.73 -0.15
CA PRO A 132 7.96 22.37 1.07
C PRO A 132 7.58 23.27 2.23
N SER A 133 7.62 22.71 3.43
CA SER A 133 7.29 23.40 4.67
C SER A 133 8.53 23.49 5.55
N ALA A 134 8.87 24.69 5.98
CA ALA A 134 10.02 24.86 6.86
C ALA A 134 9.68 24.41 8.28
N GLU A 135 8.45 24.66 8.73
CA GLU A 135 8.04 24.20 10.05
C GLU A 135 8.09 22.69 10.15
N VAL A 136 7.83 21.97 9.04
CA VAL A 136 7.90 20.51 9.06
C VAL A 136 9.31 20.05 9.40
N ARG A 137 10.32 20.72 8.83
N ARG A 137 10.31 20.76 8.89
CA ARG A 137 11.71 20.32 9.02
CA ARG A 137 11.68 20.32 9.07
C ARG A 137 12.24 20.73 10.39
C ARG A 137 12.19 20.70 10.44
N GLN A 138 11.83 21.88 10.91
CA GLN A 138 12.20 22.28 12.26
C GLN A 138 11.64 21.27 13.27
N VAL A 139 10.42 20.80 13.03
CA VAL A 139 9.81 19.82 13.94
C VAL A 139 10.55 18.50 13.86
N LEU A 140 10.82 18.02 12.65
CA LEU A 140 11.51 16.74 12.50
C LEU A 140 12.93 16.82 13.04
N GLU A 141 13.62 17.95 12.83
CA GLU A 141 14.96 18.08 13.36
C GLU A 141 14.96 18.13 14.89
N ARG A 142 13.92 18.72 15.50
CA ARG A 142 13.82 18.71 16.95
C ARG A 142 13.83 17.28 17.50
N TYR A 143 13.19 16.35 16.80
CA TYR A 143 13.12 14.97 17.25
C TYR A 143 14.28 14.12 16.76
N GLY A 144 15.25 14.71 16.08
CA GLY A 144 16.37 13.96 15.59
C GLY A 144 16.06 13.04 14.44
N TYR A 145 15.01 13.34 13.67
CA TYR A 145 14.65 12.57 12.49
C TYR A 145 15.82 12.46 11.52
N ALA A 146 15.99 11.26 10.94
CA ALA A 146 17.15 10.99 10.09
C ALA A 146 16.95 11.40 8.63
N PHE A 147 15.71 11.43 8.16
CA PHE A 147 15.41 11.71 6.74
C PHE A 147 15.98 10.63 5.84
N ASN A 148 15.92 9.39 6.30
CA ASN A 148 16.46 8.24 5.58
C ASN A 148 15.50 7.80 4.47
N ARG A 149 16.06 7.47 3.32
N ARG A 149 16.06 7.44 3.32
CA ARG A 149 15.32 6.76 2.28
CA ARG A 149 15.30 6.76 2.28
C ARG A 149 15.43 5.27 2.56
C ARG A 149 15.42 5.27 2.51
N THR A 150 14.29 4.61 2.68
CA THR A 150 14.28 3.18 2.91
C THR A 150 14.02 2.46 1.59
N LEU A 151 13.89 1.14 1.68
CA LEU A 151 13.91 0.30 0.49
C LEU A 151 13.00 0.81 -0.63
N VAL A 152 11.80 1.27 -0.29
CA VAL A 152 10.79 1.54 -1.32
C VAL A 152 11.20 2.69 -2.23
N ASN A 153 11.93 3.69 -1.71
CA ASN A 153 12.37 4.81 -2.54
C ASN A 153 13.89 4.93 -2.57
N GLU A 154 14.59 3.83 -2.33
CA GLU A 154 16.05 3.81 -2.21
C GLU A 154 16.69 3.37 -3.52
N ASP A 155 17.80 4.01 -3.86
CA ASP A 155 18.50 3.77 -5.12
C ASP A 155 19.47 2.60 -5.04
N GLU A 156 19.79 2.07 -6.22
CA GLU A 156 20.90 1.13 -6.35
C GLU A 156 22.22 1.89 -6.24
N PRO A 157 23.29 1.21 -5.82
CA PRO A 157 23.40 -0.22 -5.55
C PRO A 157 22.94 -0.65 -4.16
N MET A 158 22.83 0.28 -3.22
CA MET A 158 22.64 -0.12 -1.83
C MET A 158 21.26 -0.73 -1.59
N HIS A 159 20.24 -0.32 -2.35
CA HIS A 159 18.91 -0.88 -2.17
C HIS A 159 18.91 -2.40 -2.25
N LEU A 160 19.40 -2.95 -3.37
CA LEU A 160 19.37 -4.40 -3.53
C LEU A 160 20.27 -5.11 -2.53
N GLU A 161 21.36 -4.46 -2.11
N GLU A 161 21.36 -4.46 -2.11
CA GLU A 161 22.23 -5.05 -1.10
CA GLU A 161 22.21 -5.08 -1.09
C GLU A 161 21.52 -5.13 0.26
C GLU A 161 21.50 -5.15 0.26
N ARG A 162 20.75 -4.10 0.61
CA ARG A 162 20.02 -4.11 1.86
C ARG A 162 18.81 -5.04 1.78
N ARG A 163 18.10 -5.03 0.64
CA ARG A 163 17.05 -6.01 0.44
C ARG A 163 17.58 -7.42 0.66
N ARG A 164 18.73 -7.74 0.05
CA ARG A 164 19.31 -9.06 0.21
C ARG A 164 19.48 -9.41 1.68
N VAL A 165 19.98 -8.46 2.47
CA VAL A 165 20.31 -8.71 3.86
C VAL A 165 19.07 -8.77 4.76
N LEU A 166 17.96 -8.13 4.36
CA LEU A 166 16.82 -7.94 5.25
C LEU A 166 15.55 -8.66 4.83
N MET A 167 15.56 -9.39 3.71
CA MET A 167 14.32 -9.91 3.16
C MET A 167 13.87 -11.22 3.78
N GLU A 168 14.76 -11.94 4.46
CA GLU A 168 14.46 -13.32 4.81
C GLU A 168 13.17 -13.50 5.61
N PRO A 169 12.87 -12.68 6.63
CA PRO A 169 11.63 -12.90 7.38
C PRO A 169 10.37 -12.71 6.56
N PHE A 170 10.46 -12.11 5.37
CA PHE A 170 9.32 -11.97 4.49
C PHE A 170 9.03 -13.23 3.70
N ALA A 171 9.87 -14.27 3.82
CA ALA A 171 9.67 -15.48 3.04
C ALA A 171 8.37 -16.18 3.45
N SER A 172 7.72 -16.82 2.49
CA SER A 172 6.39 -17.37 2.72
C SER A 172 6.40 -18.47 3.77
N GLU A 173 7.51 -19.21 3.90
CA GLU A 173 7.62 -20.23 4.93
C GLU A 173 7.39 -19.66 6.32
N HIS A 174 7.60 -18.35 6.51
CA HIS A 174 7.35 -17.71 7.79
C HIS A 174 5.92 -17.20 7.94
N LEU A 175 5.10 -17.30 6.89
CA LEU A 175 3.73 -16.79 6.98
C LEU A 175 2.92 -17.53 8.03
N ALA A 176 2.97 -18.86 8.01
CA ALA A 176 2.22 -19.65 8.98
C ALA A 176 2.51 -19.22 10.41
N GLU A 177 3.69 -18.63 10.67
CA GLU A 177 3.97 -18.13 12.01
C GLU A 177 3.03 -17.00 12.39
N HIS A 178 2.56 -16.22 11.41
CA HIS A 178 1.72 -15.05 11.67
C HIS A 178 0.23 -15.32 11.51
N GLU A 179 -0.15 -16.35 10.76
CA GLU A 179 -1.57 -16.57 10.46
C GLU A 179 -2.45 -16.68 11.70
N PRO A 180 -2.07 -17.40 12.76
CA PRO A 180 -2.98 -17.48 13.93
C PRO A 180 -3.28 -16.11 14.52
N MET A 181 -2.24 -15.28 14.67
CA MET A 181 -2.42 -13.95 15.22
C MET A 181 -3.32 -13.10 14.33
N VAL A 182 -3.21 -13.28 13.02
CA VAL A 182 -4.07 -12.53 12.11
C VAL A 182 -5.52 -13.02 12.23
N ARG A 183 -5.72 -14.34 12.25
CA ARG A 183 -7.07 -14.87 12.40
C ARG A 183 -7.70 -14.41 13.71
N GLU A 184 -6.92 -14.42 14.80
CA GLU A 184 -7.45 -14.01 16.09
C GLU A 184 -7.83 -12.54 16.07
N LEU A 185 -6.95 -11.69 15.52
CA LEU A 185 -7.25 -10.26 15.41
C LEU A 185 -8.55 -10.02 14.67
N VAL A 186 -8.73 -10.72 13.55
CA VAL A 186 -9.91 -10.49 12.72
C VAL A 186 -11.17 -10.99 13.43
N ARG A 187 -11.06 -12.12 14.13
CA ARG A 187 -12.21 -12.63 14.86
C ARG A 187 -12.65 -11.65 15.95
N ARG A 188 -11.70 -11.16 16.74
CA ARG A 188 -12.03 -10.22 17.81
C ARG A 188 -12.62 -8.93 17.25
N ALA A 189 -12.10 -8.46 16.11
CA ALA A 189 -12.64 -7.26 15.50
C ALA A 189 -14.11 -7.45 15.12
N VAL A 190 -14.43 -8.53 14.42
CA VAL A 190 -15.81 -8.77 14.01
C VAL A 190 -16.71 -8.93 15.23
N ASN A 191 -16.21 -9.58 16.29
CA ASN A 191 -17.02 -9.74 17.50
C ASN A 191 -17.53 -8.40 18.02
N ARG A 192 -16.75 -7.34 17.83
CA ARG A 192 -17.10 -6.04 18.39
C ARG A 192 -18.34 -5.43 17.73
N PHE A 193 -18.64 -5.79 16.48
CA PHE A 193 -19.78 -5.18 15.79
C PHE A 193 -20.80 -6.17 15.21
N ILE A 194 -20.56 -7.47 15.29
CA ILE A 194 -21.40 -8.42 14.56
C ILE A 194 -22.86 -8.39 15.00
N ASP A 195 -23.12 -7.93 16.22
CA ASP A 195 -24.47 -7.94 16.76
C ASP A 195 -25.21 -6.63 16.53
N THR A 196 -24.59 -5.66 15.87
CA THR A 196 -25.17 -4.33 15.74
C THR A 196 -26.08 -4.17 14.52
N GLY A 197 -25.75 -4.80 13.40
CA GLY A 197 -26.57 -4.71 12.20
C GLY A 197 -26.14 -3.64 11.20
N ARG A 198 -25.24 -2.73 11.60
CA ARG A 198 -24.71 -1.73 10.68
C ARG A 198 -23.32 -1.35 11.17
N ALA A 199 -22.34 -1.44 10.27
CA ALA A 199 -20.97 -1.13 10.65
C ALA A 199 -20.24 -0.50 9.48
N ASP A 200 -19.29 0.36 9.79
CA ASP A 200 -18.31 0.85 8.81
C ASP A 200 -17.11 -0.10 8.87
N LEU A 201 -16.94 -0.91 7.83
CA LEU A 201 -15.90 -1.94 7.86
C LEU A 201 -14.50 -1.34 7.94
N VAL A 202 -14.32 -0.10 7.51
CA VAL A 202 -13.01 0.55 7.59
C VAL A 202 -12.74 0.90 9.05
N ASP A 203 -13.50 1.84 9.60
CA ASP A 203 -13.25 2.31 10.95
C ASP A 203 -13.39 1.21 12.00
N GLN A 204 -14.27 0.24 11.77
CA GLN A 204 -14.56 -0.76 12.78
C GLN A 204 -13.81 -2.07 12.59
N MET A 205 -12.98 -2.20 11.55
CA MET A 205 -12.09 -3.37 11.51
C MET A 205 -10.88 -3.19 10.62
N ILE A 206 -11.11 -2.75 9.37
CA ILE A 206 -10.07 -2.88 8.36
C ILE A 206 -8.92 -1.90 8.60
N TRP A 207 -9.20 -0.71 9.15
CA TRP A 207 -8.12 0.25 9.38
C TRP A 207 -7.08 -0.30 10.32
N GLU A 208 -7.51 -0.85 11.45
CA GLU A 208 -6.58 -1.17 12.53
C GLU A 208 -5.85 -2.50 12.33
N VAL A 209 -6.49 -3.49 11.70
CA VAL A 209 -5.90 -4.83 11.66
C VAL A 209 -4.51 -4.81 11.04
N PRO A 210 -4.28 -4.22 9.86
CA PRO A 210 -2.95 -4.31 9.26
C PRO A 210 -1.90 -3.50 10.01
N PHE A 211 -2.31 -2.48 10.76
CA PHE A 211 -1.37 -1.78 11.64
C PHE A 211 -0.85 -2.71 12.72
N THR A 212 -1.75 -3.38 13.43
CA THR A 212 -1.36 -4.29 14.49
C THR A 212 -0.60 -5.49 13.94
N VAL A 213 -0.98 -5.99 12.77
CA VAL A 213 -0.24 -7.09 12.16
C VAL A 213 1.18 -6.65 11.84
N ALA A 214 1.35 -5.43 11.32
CA ALA A 214 2.69 -4.92 11.07
C ALA A 214 3.51 -4.91 12.34
N LEU A 215 2.92 -4.47 13.45
CA LEU A 215 3.66 -4.43 14.71
C LEU A 215 4.13 -5.83 15.10
N HIS A 216 3.25 -6.82 14.95
CA HIS A 216 3.63 -8.20 15.24
C HIS A 216 4.75 -8.67 14.33
N PHE A 217 4.64 -8.39 13.03
CA PHE A 217 5.72 -8.74 12.10
C PHE A 217 7.03 -8.11 12.56
N LEU A 218 6.99 -6.87 13.03
CA LEU A 218 8.20 -6.21 13.51
C LEU A 218 8.70 -6.80 14.81
N GLY A 219 7.85 -7.47 15.58
CA GLY A 219 8.24 -8.00 16.87
C GLY A 219 8.01 -7.08 18.03
N VAL A 220 7.13 -6.09 17.90
CA VAL A 220 6.88 -5.15 18.97
C VAL A 220 6.18 -5.87 20.11
N ASP A 221 6.69 -5.68 21.33
CA ASP A 221 6.16 -6.37 22.50
C ASP A 221 4.77 -5.82 22.86
N ASP A 222 4.05 -6.60 23.68
CA ASP A 222 2.66 -6.30 24.02
C ASP A 222 2.49 -4.87 24.50
N ASP A 223 3.27 -4.46 25.50
CA ASP A 223 3.10 -3.14 26.10
C ASP A 223 3.30 -2.03 25.07
N ASP A 224 4.34 -2.15 24.24
CA ASP A 224 4.63 -1.11 23.27
C ASP A 224 3.52 -1.01 22.21
N ARG A 225 2.98 -2.14 21.77
CA ARG A 225 1.93 -2.10 20.77
C ARG A 225 0.76 -1.23 21.23
N GLU A 226 0.46 -1.26 22.53
CA GLU A 226 -0.63 -0.44 23.04
C GLU A 226 -0.29 1.04 22.95
N LYS A 227 0.90 1.42 23.43
CA LYS A 227 1.32 2.82 23.37
C LYS A 227 1.45 3.34 21.95
N MET A 228 1.47 2.46 20.93
CA MET A 228 1.65 2.87 19.55
C MET A 228 0.34 3.07 18.81
N ARG A 229 -0.80 2.78 19.43
CA ARG A 229 -2.08 2.92 18.75
C ARG A 229 -2.25 4.32 18.17
N ARG A 230 -1.83 5.35 18.90
CA ARG A 230 -2.04 6.71 18.43
C ARG A 230 -1.19 7.06 17.21
N PHE A 231 -0.20 6.23 16.85
CA PHE A 231 0.66 6.53 15.71
C PHE A 231 0.13 5.93 14.41
N ALA A 232 -1.03 5.28 14.45
CA ALA A 232 -1.61 4.66 13.26
C ALA A 232 -2.41 5.68 12.44
N ILE A 233 -1.71 6.76 12.04
CA ILE A 233 -2.31 7.85 11.29
C ILE A 233 -2.23 7.57 9.79
N ALA A 234 -2.97 8.35 9.00
CA ALA A 234 -2.92 8.24 7.55
C ALA A 234 -1.74 9.01 7.00
N HIS A 235 -0.99 8.38 6.10
CA HIS A 235 0.16 8.99 5.44
C HIS A 235 -0.08 9.23 3.94
N THR A 236 -1.21 8.78 3.39
CA THR A 236 -1.39 8.73 1.94
C THR A 236 -1.35 10.12 1.33
N VAL A 237 -2.14 11.05 1.86
CA VAL A 237 -2.13 12.40 1.30
C VAL A 237 -0.78 13.07 1.53
N ASN A 238 -0.16 12.81 2.68
CA ASN A 238 1.12 13.43 3.00
C ASN A 238 2.23 12.99 2.06
N ALA A 239 2.22 11.71 1.64
CA ALA A 239 3.29 11.19 0.78
C ALA A 239 2.95 11.25 -0.70
N PHE A 240 1.67 11.23 -1.08
CA PHE A 240 1.28 11.10 -2.47
C PHE A 240 0.31 12.18 -2.92
N GLY A 241 -0.10 13.08 -2.04
CA GLY A 241 -1.10 14.06 -2.40
C GLY A 241 -0.64 15.49 -2.17
N ARG A 242 -1.58 16.38 -1.89
CA ARG A 242 -1.29 17.79 -1.70
C ARG A 242 -1.88 18.19 -0.36
N PRO A 243 -1.20 17.88 0.73
CA PRO A 243 -1.70 18.27 2.06
C PRO A 243 -1.61 19.77 2.26
N SER A 244 -2.54 20.29 3.05
CA SER A 244 -2.46 21.68 3.45
C SER A 244 -1.27 21.89 4.38
N PRO A 245 -0.84 23.14 4.57
CA PRO A 245 0.24 23.38 5.54
C PRO A 245 -0.08 22.85 6.92
N GLU A 246 -1.34 22.93 7.33
CA GLU A 246 -1.72 22.43 8.65
C GLU A 246 -1.60 20.92 8.72
N GLU A 247 -2.01 20.23 7.65
N GLU A 247 -2.01 20.20 7.67
CA GLU A 247 -1.91 18.77 7.62
CA GLU A 247 -1.89 18.75 7.70
C GLU A 247 -0.46 18.33 7.60
C GLU A 247 -0.43 18.33 7.65
N GLN A 248 0.39 19.05 6.87
CA GLN A 248 1.82 18.73 6.84
C GLN A 248 2.41 18.78 8.24
N LEU A 249 2.11 19.85 8.96
CA LEU A 249 2.65 20.04 10.31
C LEU A 249 2.15 18.96 11.26
N ALA A 250 0.84 18.69 11.23
CA ALA A 250 0.26 17.69 12.12
C ALA A 250 0.90 16.33 11.91
N VAL A 251 1.10 15.93 10.65
CA VAL A 251 1.72 14.65 10.37
C VAL A 251 3.18 14.66 10.81
N ALA A 252 3.88 15.76 10.55
CA ALA A 252 5.28 15.87 10.95
C ALA A 252 5.45 15.68 12.45
N GLU A 253 4.58 16.30 13.23
CA GLU A 253 4.69 16.18 14.69
C GLU A 253 4.50 14.74 15.13
N THR A 254 3.48 14.07 14.57
CA THR A 254 3.25 12.68 14.93
C THR A 254 4.40 11.79 14.50
N VAL A 255 4.99 12.07 13.33
CA VAL A 255 6.12 11.28 12.84
C VAL A 255 7.34 11.50 13.71
N GLY A 256 7.54 12.73 14.17
CA GLY A 256 8.64 13.00 15.09
C GLY A 256 8.46 12.25 16.40
N GLN A 257 7.26 12.33 16.97
CA GLN A 257 6.98 11.59 18.20
C GLN A 257 7.16 10.09 18.01
N PHE A 258 6.74 9.58 16.85
CA PHE A 258 6.85 8.16 16.58
C PHE A 258 8.30 7.74 16.43
N TRP A 259 9.09 8.56 15.71
CA TRP A 259 10.53 8.38 15.66
C TRP A 259 11.11 8.25 17.06
N GLN A 260 10.82 9.23 17.93
CA GLN A 260 11.27 9.18 19.31
C GLN A 260 10.90 7.84 19.94
N PHE A 261 9.63 7.44 19.81
CA PHE A 261 9.17 6.22 20.48
C PHE A 261 9.91 5.00 19.93
N CYS A 262 10.03 4.91 18.61
CA CYS A 262 10.69 3.77 17.99
C CYS A 262 12.16 3.69 18.37
N GLY A 263 12.80 4.82 18.65
CA GLY A 263 14.17 4.77 19.13
C GLY A 263 14.29 4.02 20.45
N GLU A 264 13.32 4.21 21.34
CA GLU A 264 13.31 3.50 22.61
C GLU A 264 12.96 2.02 22.42
N VAL A 265 12.03 1.72 21.51
CA VAL A 265 11.74 0.33 21.18
C VAL A 265 12.98 -0.36 20.63
N LEU A 266 13.72 0.33 19.76
CA LEU A 266 14.89 -0.27 19.13
C LEU A 266 15.95 -0.62 20.17
N GLU A 267 16.23 0.28 21.12
CA GLU A 267 17.19 -0.02 22.17
C GLU A 267 16.77 -1.26 22.95
N LYS A 268 15.48 -1.33 23.32
CA LYS A 268 14.98 -2.48 24.06
C LYS A 268 15.13 -3.76 23.24
N MET A 269 14.82 -3.70 21.95
CA MET A 269 14.97 -4.88 21.11
C MET A 269 16.41 -5.35 21.04
N ARG A 270 17.37 -4.43 21.11
CA ARG A 270 18.77 -4.81 21.13
C ARG A 270 19.12 -5.59 22.39
N ARG A 271 18.37 -5.38 23.48
N ARG A 271 18.36 -5.38 23.47
CA ARG A 271 18.57 -6.16 24.70
CA ARG A 271 18.56 -6.16 24.70
C ARG A 271 18.15 -7.62 24.52
C ARG A 271 18.13 -7.60 24.54
N THR A 272 17.21 -7.87 23.61
CA THR A 272 16.67 -9.22 23.38
C THR A 272 16.79 -9.56 21.89
N ALA A 273 18.02 -9.47 21.37
CA ALA A 273 18.28 -9.53 19.94
C ALA A 273 18.02 -10.90 19.34
N ASP A 274 17.80 -11.93 20.16
CA ASP A 274 17.49 -13.26 19.64
C ASP A 274 15.99 -13.55 19.61
N GLY A 275 15.16 -12.62 20.06
CA GLY A 275 13.74 -12.80 20.06
C GLY A 275 13.16 -12.71 18.66
N PRO A 276 11.83 -12.76 18.57
CA PRO A 276 11.17 -12.85 17.27
C PRO A 276 10.98 -11.49 16.63
N GLY A 277 10.79 -11.52 15.32
CA GLY A 277 10.35 -10.36 14.58
C GLY A 277 11.44 -9.80 13.68
N TRP A 278 11.01 -8.98 12.73
CA TRP A 278 11.92 -8.45 11.72
C TRP A 278 12.96 -7.52 12.34
N MET A 279 12.57 -6.70 13.32
CA MET A 279 13.53 -5.76 13.91
C MET A 279 14.70 -6.50 14.54
N ARG A 280 14.40 -7.54 15.31
CA ARG A 280 15.47 -8.29 15.96
C ARG A 280 16.31 -9.03 14.93
N TYR A 281 15.68 -9.58 13.90
CA TYR A 281 16.43 -10.21 12.82
C TYR A 281 17.42 -9.23 12.20
N SER A 282 16.98 -7.99 11.96
N SER A 282 16.97 -7.99 11.94
CA SER A 282 17.84 -7.00 11.32
CA SER A 282 17.84 -7.00 11.32
C SER A 282 18.95 -6.55 12.26
C SER A 282 18.97 -6.59 12.26
N ILE A 283 18.68 -6.45 13.55
CA ILE A 283 19.73 -6.16 14.52
C ILE A 283 20.83 -7.21 14.44
N ARG A 284 20.43 -8.49 14.32
CA ARG A 284 21.42 -9.54 14.18
C ARG A 284 22.19 -9.39 12.87
N GLN A 285 21.49 -9.08 11.77
CA GLN A 285 22.16 -8.87 10.49
C GLN A 285 23.16 -7.72 10.57
N GLN A 286 22.79 -6.64 11.27
CA GLN A 286 23.71 -5.52 11.42
C GLN A 286 25.03 -5.96 12.04
N LYS A 287 24.97 -6.89 13.00
CA LYS A 287 26.21 -7.38 13.60
C LYS A 287 27.07 -8.10 12.58
N LEU A 288 26.45 -8.67 11.55
CA LEU A 288 27.20 -9.35 10.50
C LEU A 288 27.61 -8.42 9.36
N TYR A 289 26.82 -7.38 9.07
CA TYR A 289 27.07 -6.48 7.95
C TYR A 289 26.97 -5.04 8.42
N PRO A 290 27.87 -4.62 9.32
CA PRO A 290 27.75 -3.28 9.91
C PRO A 290 27.88 -2.16 8.89
N ASP A 291 28.52 -2.41 7.75
CA ASP A 291 28.64 -1.37 6.74
C ASP A 291 27.41 -1.26 5.84
N VAL A 292 26.49 -2.22 5.90
CA VAL A 292 25.28 -2.19 5.10
C VAL A 292 24.10 -1.61 5.86
N VAL A 293 23.96 -1.95 7.14
CA VAL A 293 22.81 -1.57 7.94
C VAL A 293 23.32 -0.61 9.01
N THR A 294 23.05 0.69 8.85
CA THR A 294 23.37 1.67 9.86
C THR A 294 22.29 1.72 10.93
N ASP A 295 22.63 2.34 12.06
CA ASP A 295 21.65 2.53 13.12
C ASP A 295 20.49 3.40 12.66
N SER A 296 20.78 4.45 11.89
N SER A 296 20.78 4.44 11.87
CA SER A 296 19.72 5.32 11.38
CA SER A 296 19.71 5.32 11.39
C SER A 296 18.79 4.57 10.45
C SER A 296 18.79 4.59 10.43
N TYR A 297 19.35 3.73 9.57
CA TYR A 297 18.52 2.94 8.66
C TYR A 297 17.59 2.00 9.43
N LEU A 298 18.15 1.25 10.40
CA LEU A 298 17.34 0.40 11.26
C LEU A 298 16.24 1.18 11.95
N HIS A 299 16.59 2.32 12.52
CA HIS A 299 15.59 3.17 13.16
C HIS A 299 14.49 3.56 12.19
N SER A 300 14.88 3.90 10.95
N SER A 300 14.88 3.89 10.94
CA SER A 300 13.91 4.35 9.96
CA SER A 300 13.90 4.34 9.96
C SER A 300 13.03 3.22 9.45
C SER A 300 13.00 3.21 9.49
N MET A 301 13.48 1.97 9.54
CA MET A 301 12.75 0.86 8.92
C MET A 301 11.49 0.47 9.69
N MET A 302 11.44 0.76 11.00
N MET A 302 11.40 0.77 10.99
CA MET A 302 10.25 0.45 11.78
CA MET A 302 10.14 0.50 11.69
C MET A 302 9.06 1.22 11.27
C MET A 302 9.00 1.31 11.07
N GLN A 303 9.23 2.53 11.04
N GLN A 303 9.15 2.64 11.03
CA GLN A 303 8.15 3.33 10.45
CA GLN A 303 8.14 3.48 10.42
C GLN A 303 7.94 2.98 8.99
C GLN A 303 7.95 3.14 8.94
N ALA A 304 9.03 2.79 8.25
CA ALA A 304 8.91 2.47 6.82
C ALA A 304 8.07 1.21 6.62
N ILE A 305 8.31 0.17 7.42
CA ILE A 305 7.59 -1.09 7.23
C ILE A 305 6.13 -0.93 7.64
N ILE A 306 5.86 -0.13 8.68
CA ILE A 306 4.48 0.11 9.10
C ILE A 306 3.72 0.82 7.99
N VAL A 307 4.30 1.89 7.45
CA VAL A 307 3.64 2.65 6.40
C VAL A 307 3.47 1.80 5.15
N ALA A 308 4.45 0.95 4.83
CA ALA A 308 4.32 0.07 3.68
C ALA A 308 3.23 -0.96 3.88
N ALA A 309 2.97 -1.35 5.14
CA ALA A 309 2.13 -2.48 5.44
C ALA A 309 0.71 -2.11 5.85
N HIS A 310 0.45 -0.85 6.18
CA HIS A 310 -0.78 -0.49 6.85
C HIS A 310 -1.85 -0.08 5.83
N GLU A 311 -1.76 1.13 5.28
CA GLU A 311 -2.83 1.63 4.44
C GLU A 311 -2.94 0.86 3.13
N THR A 312 -1.83 0.35 2.60
CA THR A 312 -1.90 -0.50 1.42
C THR A 312 -2.88 -1.63 1.62
N THR A 313 -2.68 -2.41 2.70
CA THR A 313 -3.57 -3.51 3.01
C THR A 313 -4.97 -3.02 3.31
N VAL A 314 -5.08 -1.88 4.00
CA VAL A 314 -6.40 -1.32 4.30
C VAL A 314 -7.17 -1.07 3.01
N PHE A 315 -6.53 -0.36 2.06
N PHE A 315 -6.54 -0.33 2.08
CA PHE A 315 -7.20 -0.02 0.81
CA PHE A 315 -7.17 -0.01 0.80
C PHE A 315 -7.49 -1.26 -0.02
C PHE A 315 -7.49 -1.28 0.01
N ALA A 316 -6.53 -2.20 -0.07
CA ALA A 316 -6.74 -3.42 -0.83
C ALA A 316 -7.97 -4.16 -0.32
N THR A 317 -8.09 -4.29 1.00
CA THR A 317 -9.18 -5.06 1.59
C THR A 317 -10.51 -4.33 1.46
N THR A 318 -10.50 -3.01 1.67
CA THR A 318 -11.71 -2.21 1.48
C THR A 318 -12.25 -2.36 0.07
N ASN A 319 -11.37 -2.23 -0.94
CA ASN A 319 -11.78 -2.35 -2.33
C ASN A 319 -12.29 -3.76 -2.63
N ALA A 320 -11.62 -4.78 -2.09
CA ALA A 320 -12.02 -6.15 -2.37
C ALA A 320 -13.43 -6.43 -1.85
N LEU A 321 -13.71 -6.03 -0.61
N LEU A 321 -13.72 -6.00 -0.61
CA LEU A 321 -15.04 -6.20 -0.06
CA LEU A 321 -15.05 -6.22 -0.07
C LEU A 321 -16.08 -5.44 -0.88
C LEU A 321 -16.10 -5.43 -0.83
N LYS A 322 -15.76 -4.21 -1.29
CA LYS A 322 -16.69 -3.43 -2.09
C LYS A 322 -16.99 -4.14 -3.40
N THR A 323 -15.96 -4.63 -4.07
CA THR A 323 -16.15 -5.32 -5.34
C THR A 323 -16.95 -6.61 -5.15
N LEU A 324 -16.60 -7.41 -4.13
CA LEU A 324 -17.32 -8.66 -3.92
C LEU A 324 -18.79 -8.41 -3.60
N LEU A 325 -19.08 -7.43 -2.75
CA LEU A 325 -20.47 -7.16 -2.41
C LEU A 325 -21.23 -6.53 -3.56
N GLU A 326 -20.53 -5.81 -4.45
CA GLU A 326 -21.19 -5.24 -5.63
C GLU A 326 -21.35 -6.24 -6.76
N HIS A 327 -20.69 -7.38 -6.69
CA HIS A 327 -20.86 -8.47 -7.65
C HIS A 327 -21.45 -9.64 -6.88
N GLU A 328 -22.75 -9.53 -6.57
CA GLU A 328 -23.35 -10.42 -5.58
C GLU A 328 -23.26 -11.89 -6.00
N THR A 329 -23.28 -12.18 -7.31
CA THR A 329 -23.12 -13.57 -7.71
C THR A 329 -21.77 -14.11 -7.26
N VAL A 330 -20.74 -13.28 -7.25
CA VAL A 330 -19.42 -13.75 -6.80
C VAL A 330 -19.38 -13.87 -5.28
N TRP A 331 -19.92 -12.90 -4.57
CA TRP A 331 -20.07 -13.04 -3.12
C TRP A 331 -20.79 -14.34 -2.77
N ARG A 332 -21.83 -14.65 -3.52
CA ARG A 332 -22.53 -15.92 -3.37
C ARG A 332 -21.56 -17.11 -3.51
N GLU A 333 -20.75 -17.10 -4.57
CA GLU A 333 -19.83 -18.20 -4.83
C GLU A 333 -18.84 -18.39 -3.69
N ILE A 334 -18.24 -17.29 -3.21
CA ILE A 334 -17.20 -17.44 -2.21
C ILE A 334 -17.80 -17.75 -0.83
N CYS A 335 -19.05 -17.36 -0.59
CA CYS A 335 -19.71 -17.80 0.63
C CYS A 335 -19.96 -19.30 0.61
N ALA A 336 -20.25 -19.87 -0.56
CA ALA A 336 -20.50 -21.30 -0.67
C ALA A 336 -19.20 -22.09 -0.75
N ASP A 337 -18.12 -21.48 -1.23
CA ASP A 337 -16.85 -22.16 -1.44
C ASP A 337 -15.72 -21.23 -1.02
N PRO A 338 -15.35 -21.22 0.26
CA PRO A 338 -14.28 -20.31 0.72
C PRO A 338 -12.93 -20.61 0.10
N SER A 339 -12.75 -21.77 -0.54
CA SER A 339 -11.48 -22.07 -1.19
C SER A 339 -11.23 -21.15 -2.39
N LEU A 340 -12.26 -20.48 -2.89
CA LEU A 340 -12.13 -19.53 -3.99
C LEU A 340 -11.54 -18.20 -3.56
N ILE A 341 -11.35 -17.97 -2.27
CA ILE A 341 -11.04 -16.64 -1.76
C ILE A 341 -9.67 -16.15 -2.20
N PRO A 342 -8.61 -16.96 -2.14
CA PRO A 342 -7.30 -16.46 -2.65
C PRO A 342 -7.35 -16.02 -4.10
N ALA A 343 -8.00 -16.81 -4.96
CA ALA A 343 -8.16 -16.40 -6.35
C ALA A 343 -9.00 -15.14 -6.45
N ALA A 344 -10.07 -15.07 -5.66
CA ALA A 344 -10.95 -13.91 -5.72
C ALA A 344 -10.24 -12.65 -5.27
N ALA A 345 -9.45 -12.75 -4.20
CA ALA A 345 -8.70 -11.59 -3.72
C ALA A 345 -7.71 -11.12 -4.78
N GLU A 346 -7.12 -12.05 -5.52
CA GLU A 346 -6.17 -11.67 -6.54
C GLU A 346 -6.84 -10.90 -7.67
N GLU A 347 -8.02 -11.33 -8.10
CA GLU A 347 -8.73 -10.59 -9.14
C GLU A 347 -9.29 -9.27 -8.61
N CYS A 348 -9.61 -9.20 -7.31
CA CYS A 348 -9.96 -7.91 -6.72
C CYS A 348 -8.80 -6.93 -6.85
N LEU A 349 -7.58 -7.39 -6.59
CA LEU A 349 -6.41 -6.54 -6.76
C LEU A 349 -6.25 -6.09 -8.21
N ARG A 350 -6.50 -6.97 -9.18
CA ARG A 350 -6.35 -6.54 -10.58
C ARG A 350 -7.48 -5.60 -10.98
N TYR A 351 -8.72 -5.97 -10.66
CA TYR A 351 -9.88 -5.24 -11.16
C TYR A 351 -10.14 -3.95 -10.39
N ASN A 352 -9.93 -3.97 -9.07
CA ASN A 352 -10.23 -2.82 -8.22
C ASN A 352 -9.14 -2.71 -7.16
N GLY A 353 -7.90 -2.59 -7.61
CA GLY A 353 -6.76 -2.62 -6.74
C GLY A 353 -6.49 -1.28 -6.07
N PRO A 354 -5.69 -1.31 -5.00
CA PRO A 354 -5.45 -0.09 -4.22
C PRO A 354 -4.52 0.91 -4.88
N VAL A 355 -3.71 0.47 -5.85
N VAL A 355 -3.65 0.49 -5.80
CA VAL A 355 -2.69 1.31 -6.47
CA VAL A 355 -2.68 1.41 -6.39
C VAL A 355 -3.27 1.93 -7.73
C VAL A 355 -3.26 1.95 -7.69
N ALA A 356 -3.60 3.22 -7.68
CA ALA A 356 -3.94 3.93 -8.90
C ALA A 356 -2.69 4.21 -9.71
N GLY A 357 -1.64 4.69 -9.04
CA GLY A 357 -0.41 5.01 -9.73
C GLY A 357 0.82 4.88 -8.85
N TRP A 358 1.96 4.73 -9.51
CA TRP A 358 3.24 4.64 -8.84
C TRP A 358 4.24 5.43 -9.68
N ARG A 359 5.35 5.83 -9.07
CA ARG A 359 6.20 6.84 -9.68
C ARG A 359 7.64 6.36 -9.82
N ARG A 360 8.30 6.89 -10.83
CA ARG A 360 9.74 6.79 -11.02
C ARG A 360 10.27 8.13 -11.50
N ARG A 361 11.59 8.32 -11.38
CA ARG A 361 12.29 9.49 -11.92
C ARG A 361 13.50 9.03 -12.72
N THR A 362 13.64 9.51 -13.95
CA THR A 362 14.79 9.12 -14.77
C THR A 362 16.09 9.68 -14.19
N THR A 363 17.17 8.89 -14.37
CA THR A 363 18.51 9.27 -13.96
C THR A 363 19.41 9.51 -15.16
N ARG A 364 18.90 9.30 -16.37
N ARG A 364 18.89 9.31 -16.38
CA ARG A 364 19.60 9.56 -17.61
CA ARG A 364 19.63 9.52 -17.61
C ARG A 364 18.54 9.78 -18.67
C ARG A 364 18.59 9.63 -18.72
N GLU A 365 18.96 10.32 -19.79
CA GLU A 365 18.07 10.42 -20.93
C GLU A 365 17.75 9.02 -21.43
N VAL A 366 16.48 8.78 -21.76
CA VAL A 366 16.03 7.43 -22.08
C VAL A 366 14.74 7.55 -22.90
N GLU A 367 14.61 6.68 -23.89
N GLU A 367 14.60 6.68 -23.90
CA GLU A 367 13.41 6.64 -24.71
CA GLU A 367 13.41 6.68 -24.73
C GLU A 367 12.34 5.82 -24.02
C GLU A 367 12.33 5.82 -24.07
N VAL A 368 11.12 6.36 -23.98
CA VAL A 368 9.95 5.65 -23.51
C VAL A 368 8.84 5.93 -24.53
N GLU A 369 8.31 4.87 -25.12
CA GLU A 369 7.27 5.02 -26.15
C GLU A 369 7.68 6.07 -27.19
N GLY A 370 8.94 5.99 -27.62
CA GLY A 370 9.43 6.83 -28.69
C GLY A 370 9.71 8.27 -28.33
N VAL A 371 9.56 8.65 -27.06
CA VAL A 371 9.87 9.99 -26.59
C VAL A 371 11.12 9.92 -25.72
N ARG A 372 12.10 10.76 -26.03
CA ARG A 372 13.34 10.81 -25.24
C ARG A 372 13.11 11.68 -24.02
N LEU A 373 13.11 11.08 -22.86
CA LEU A 373 12.91 11.84 -21.64
C LEU A 373 14.22 12.46 -21.18
N PRO A 374 14.20 13.66 -20.62
CA PRO A 374 15.43 14.25 -20.09
C PRO A 374 15.80 13.62 -18.76
N VAL A 375 17.04 13.89 -18.33
CA VAL A 375 17.44 13.49 -16.99
C VAL A 375 16.51 14.13 -15.97
N GLY A 376 16.19 13.37 -14.92
CA GLY A 376 15.39 13.88 -13.82
C GLY A 376 13.92 13.97 -14.08
N ALA A 377 13.43 13.36 -15.15
CA ALA A 377 12.04 13.51 -15.54
C ALA A 377 11.17 12.65 -14.62
N ASN A 378 10.08 13.26 -14.12
CA ASN A 378 9.11 12.56 -13.29
C ASN A 378 8.18 11.72 -14.15
N ILE A 379 7.91 10.49 -13.71
CA ILE A 379 7.02 9.59 -14.42
C ILE A 379 5.94 9.10 -13.47
N LEU A 380 4.68 9.28 -13.87
CA LEU A 380 3.54 8.67 -13.19
C LEU A 380 3.10 7.45 -13.99
N MET A 381 3.24 6.28 -13.38
N MET A 381 3.21 6.28 -13.37
CA MET A 381 2.77 5.02 -13.96
CA MET A 381 2.78 5.03 -13.97
C MET A 381 1.37 4.77 -13.42
C MET A 381 1.39 4.70 -13.44
N VAL A 382 0.37 4.80 -14.30
CA VAL A 382 -1.01 4.56 -13.88
C VAL A 382 -1.21 3.04 -13.83
N VAL A 383 -0.83 2.48 -12.68
CA VAL A 383 -0.87 1.03 -12.49
C VAL A 383 -2.28 0.49 -12.68
N ALA A 384 -3.30 1.27 -12.28
CA ALA A 384 -4.67 0.79 -12.44
C ALA A 384 -5.01 0.63 -13.91
N SER A 385 -4.50 1.53 -14.75
CA SER A 385 -4.72 1.44 -16.19
C SER A 385 -4.04 0.19 -16.75
N ALA A 386 -2.82 -0.09 -16.31
CA ALA A 386 -2.17 -1.32 -16.73
C ALA A 386 -3.00 -2.54 -16.36
N ASN A 387 -3.56 -2.56 -15.15
CA ASN A 387 -4.35 -3.68 -14.70
C ASN A 387 -5.66 -3.84 -15.45
N HIS A 388 -6.06 -2.82 -16.22
CA HIS A 388 -7.23 -2.89 -17.09
C HIS A 388 -6.85 -2.85 -18.56
N ASP A 389 -5.60 -3.17 -18.88
CA ASP A 389 -5.07 -3.02 -20.24
C ASP A 389 -5.46 -4.25 -21.05
N SER A 390 -6.38 -4.06 -22.00
CA SER A 390 -6.81 -5.13 -22.89
C SER A 390 -5.67 -5.75 -23.69
N ALA A 391 -4.53 -5.06 -23.79
CA ALA A 391 -3.39 -5.65 -24.48
C ALA A 391 -2.67 -6.69 -23.63
N HIS A 392 -3.01 -6.79 -22.34
CA HIS A 392 -2.48 -7.86 -21.50
C HIS A 392 -3.56 -8.68 -20.80
N PHE A 393 -4.72 -8.07 -20.53
CA PHE A 393 -5.81 -8.74 -19.80
C PHE A 393 -7.03 -8.84 -20.69
N ASP A 394 -7.36 -10.07 -21.11
CA ASP A 394 -8.54 -10.31 -21.93
C ASP A 394 -9.81 -9.87 -21.22
N ASP A 395 -10.64 -9.10 -21.92
CA ASP A 395 -11.90 -8.62 -21.38
C ASP A 395 -11.65 -7.96 -20.01
N PRO A 396 -10.89 -6.87 -19.97
CA PRO A 396 -10.38 -6.37 -18.67
C PRO A 396 -11.45 -5.84 -17.75
N GLU A 397 -12.60 -5.43 -18.26
CA GLU A 397 -13.66 -4.92 -17.40
C GLU A 397 -14.54 -6.02 -16.82
N PHE A 398 -14.22 -7.28 -17.12
CA PHE A 398 -14.92 -8.44 -16.58
C PHE A 398 -14.26 -8.82 -15.25
N PHE A 399 -15.04 -8.78 -14.17
CA PHE A 399 -14.54 -9.20 -12.86
C PHE A 399 -14.65 -10.72 -12.78
N ASP A 400 -13.52 -11.40 -12.97
CA ASP A 400 -13.49 -12.84 -13.21
C ASP A 400 -12.53 -13.50 -12.23
N ILE A 401 -13.06 -14.01 -11.11
CA ILE A 401 -12.21 -14.59 -10.09
C ILE A 401 -11.53 -15.88 -10.55
N GLY A 402 -11.91 -16.41 -11.70
CA GLY A 402 -11.21 -17.51 -12.32
C GLY A 402 -10.14 -17.09 -13.30
N ARG A 403 -9.87 -15.80 -13.41
CA ARG A 403 -8.89 -15.30 -14.37
C ARG A 403 -7.52 -15.87 -14.05
N SER A 404 -6.94 -16.59 -15.02
CA SER A 404 -5.75 -17.38 -14.75
C SER A 404 -4.52 -16.51 -14.47
N ASN A 405 -4.48 -15.30 -15.03
CA ASN A 405 -3.31 -14.43 -14.88
C ASN A 405 -3.60 -13.22 -14.00
N ALA A 406 -4.62 -13.30 -13.14
CA ALA A 406 -4.94 -12.19 -12.25
C ALA A 406 -3.72 -11.74 -11.46
N SER A 407 -2.87 -12.68 -11.04
CA SER A 407 -1.70 -12.38 -10.22
C SER A 407 -0.61 -11.63 -10.98
N GLU A 408 -0.78 -11.38 -12.27
CA GLU A 408 0.15 -10.57 -13.02
C GLU A 408 -0.20 -9.09 -12.93
N HIS A 409 -1.21 -8.74 -12.13
CA HIS A 409 -1.45 -7.33 -11.82
C HIS A 409 -0.21 -6.70 -11.21
N LEU A 410 -0.20 -5.36 -11.19
CA LEU A 410 0.98 -4.61 -10.82
C LEU A 410 0.83 -3.84 -9.51
N ASN A 411 -0.13 -4.23 -8.66
CA ASN A 411 -0.29 -3.53 -7.39
C ASN A 411 0.92 -3.70 -6.48
N PHE A 412 1.67 -4.79 -6.65
CA PHE A 412 2.86 -5.05 -5.84
C PHE A 412 4.14 -4.66 -6.57
N GLY A 413 4.02 -3.90 -7.64
CA GLY A 413 5.16 -3.62 -8.49
C GLY A 413 5.63 -4.85 -9.26
N TYR A 414 6.88 -4.77 -9.69
CA TYR A 414 7.54 -5.76 -10.52
C TYR A 414 9.03 -5.43 -10.55
N GLY A 415 9.88 -6.44 -10.39
CA GLY A 415 11.31 -6.20 -10.46
C GLY A 415 11.97 -5.92 -9.13
N ALA A 416 12.97 -5.03 -9.13
CA ALA A 416 13.90 -4.92 -8.01
C ALA A 416 13.19 -4.56 -6.70
N HIS A 417 12.16 -3.72 -6.76
CA HIS A 417 11.47 -3.25 -5.56
C HIS A 417 10.17 -4.01 -5.28
N GLN A 418 9.89 -5.10 -5.99
CA GLN A 418 8.61 -5.79 -5.85
C GLN A 418 8.28 -6.05 -4.39
N CYS A 419 7.02 -5.82 -4.03
CA CYS A 419 6.61 -5.73 -2.64
C CYS A 419 7.07 -6.94 -1.83
N LEU A 420 7.87 -6.67 -0.80
CA LEU A 420 8.40 -7.74 0.04
C LEU A 420 7.32 -8.41 0.88
N GLY A 421 6.28 -7.67 1.25
CA GLY A 421 5.27 -8.21 2.15
C GLY A 421 3.98 -8.60 1.47
N ARG A 422 4.01 -8.76 0.14
CA ARG A 422 2.78 -8.95 -0.63
C ARG A 422 2.03 -10.21 -0.19
N ASN A 423 2.74 -11.26 0.21
CA ASN A 423 2.04 -12.46 0.63
C ASN A 423 1.46 -12.32 2.03
N LEU A 424 2.06 -11.49 2.87
CA LEU A 424 1.38 -11.14 4.12
C LEU A 424 0.17 -10.27 3.82
N GLY A 425 0.32 -9.28 2.94
CA GLY A 425 -0.85 -8.52 2.50
C GLY A 425 -1.95 -9.41 1.96
N ARG A 426 -1.60 -10.37 1.10
CA ARG A 426 -2.59 -11.28 0.54
C ARG A 426 -3.28 -12.08 1.64
N MET A 427 -2.51 -12.57 2.62
CA MET A 427 -3.09 -13.34 3.71
C MET A 427 -4.07 -12.50 4.51
N GLU A 428 -3.72 -11.26 4.80
CA GLU A 428 -4.62 -10.39 5.55
C GLU A 428 -5.94 -10.20 4.80
N MET A 429 -5.86 -9.85 3.51
CA MET A 429 -7.07 -9.71 2.69
C MET A 429 -7.93 -10.96 2.80
N GLN A 430 -7.31 -12.11 2.58
CA GLN A 430 -8.05 -13.37 2.50
C GLN A 430 -8.70 -13.73 3.84
N ILE A 431 -7.98 -13.51 4.94
CA ILE A 431 -8.54 -13.83 6.26
C ILE A 431 -9.69 -12.89 6.59
N MET A 432 -9.58 -11.61 6.25
CA MET A 432 -10.68 -10.70 6.50
C MET A 432 -11.89 -11.02 5.62
N ILE A 433 -11.66 -11.35 4.34
CA ILE A 433 -12.77 -11.77 3.48
C ILE A 433 -13.40 -13.05 4.02
N GLU A 434 -12.58 -14.02 4.41
CA GLU A 434 -13.12 -15.28 4.89
C GLU A 434 -13.94 -15.09 6.15
N GLU A 435 -13.46 -14.28 7.08
CA GLU A 435 -14.21 -14.07 8.32
C GLU A 435 -15.56 -13.46 8.03
N LEU A 436 -15.60 -12.45 7.16
CA LEU A 436 -16.86 -11.77 6.86
C LEU A 436 -17.79 -12.63 6.04
N SER A 437 -17.25 -13.42 5.10
CA SER A 437 -18.13 -14.25 4.28
C SER A 437 -18.68 -15.42 5.08
N ARG A 438 -17.93 -15.90 6.07
CA ARG A 438 -18.41 -17.00 6.91
C ARG A 438 -19.41 -16.52 7.94
N ARG A 439 -19.20 -15.34 8.53
CA ARG A 439 -20.02 -14.89 9.65
C ARG A 439 -21.05 -13.84 9.28
N LEU A 440 -20.85 -13.11 8.17
CA LEU A 440 -21.85 -12.17 7.68
C LEU A 440 -22.11 -12.39 6.19
N PRO A 441 -22.43 -13.62 5.79
CA PRO A 441 -22.79 -13.84 4.37
C PRO A 441 -23.97 -13.02 3.92
N HIS A 442 -24.82 -12.60 4.87
CA HIS A 442 -26.06 -11.90 4.58
C HIS A 442 -25.93 -10.39 4.64
N MET A 443 -24.76 -9.84 4.94
CA MET A 443 -24.60 -8.41 4.89
C MET A 443 -24.65 -7.90 3.45
N ARG A 444 -25.00 -6.62 3.31
CA ARG A 444 -24.93 -5.96 2.02
C ARG A 444 -24.44 -4.54 2.23
N LEU A 445 -23.92 -3.96 1.15
CA LEU A 445 -23.55 -2.55 1.16
C LEU A 445 -24.77 -1.70 1.46
N ALA A 446 -24.60 -0.74 2.35
CA ALA A 446 -25.62 0.28 2.56
C ALA A 446 -25.61 1.25 1.39
N GLU A 447 -26.73 1.93 1.20
CA GLU A 447 -26.74 3.07 0.31
C GLU A 447 -25.83 4.14 0.90
N GLN A 448 -24.91 4.66 0.10
CA GLN A 448 -23.90 5.55 0.63
C GLN A 448 -23.13 6.22 -0.50
N ARG A 449 -22.56 7.38 -0.20
CA ARG A 449 -21.55 7.99 -1.05
C ARG A 449 -20.18 7.43 -0.67
N PHE A 450 -19.34 7.20 -1.68
CA PHE A 450 -17.98 6.72 -1.48
C PHE A 450 -17.02 7.87 -1.74
N ASP A 451 -16.20 8.19 -0.75
CA ASP A 451 -15.24 9.29 -0.82
C ASP A 451 -13.83 8.75 -0.89
N TYR A 452 -13.01 9.36 -1.74
CA TYR A 452 -11.62 8.96 -1.96
C TYR A 452 -10.72 10.14 -1.66
N LEU A 453 -9.70 9.92 -0.84
CA LEU A 453 -8.68 10.94 -0.63
C LEU A 453 -7.90 11.16 -1.91
N HIS A 454 -7.74 12.43 -2.29
CA HIS A 454 -7.08 12.78 -3.54
C HIS A 454 -5.57 12.64 -3.39
N ASN A 455 -4.97 11.82 -4.23
CA ASN A 455 -3.54 11.59 -4.28
C ASN A 455 -3.26 10.76 -5.52
N VAL A 456 -2.00 10.71 -5.93
CA VAL A 456 -1.71 10.06 -7.21
C VAL A 456 -1.60 8.53 -7.11
N SER A 457 -1.45 7.95 -5.92
CA SER A 457 -1.03 6.56 -5.83
C SER A 457 -2.08 5.59 -5.30
N PHE A 458 -2.74 5.90 -4.19
CA PHE A 458 -3.57 4.91 -3.49
C PHE A 458 -5.04 5.31 -3.52
N ARG A 459 -5.91 4.36 -3.82
CA ARG A 459 -7.34 4.60 -3.93
C ARG A 459 -8.14 3.58 -3.15
N ALA A 460 -9.07 4.06 -2.35
CA ALA A 460 -10.07 3.23 -1.69
C ALA A 460 -11.11 4.16 -1.08
N PRO A 461 -12.36 3.73 -0.96
CA PRO A 461 -13.32 4.51 -0.18
C PRO A 461 -12.80 4.69 1.23
N ARG A 462 -13.03 5.88 1.77
CA ARG A 462 -12.62 6.15 3.15
C ARG A 462 -13.47 5.40 4.15
N HIS A 463 -14.68 4.99 3.75
CA HIS A 463 -15.58 4.25 4.61
C HIS A 463 -16.34 3.26 3.75
N LEU A 464 -16.89 2.24 4.41
CA LEU A 464 -17.53 1.14 3.68
C LEU A 464 -18.64 0.60 4.59
N TRP A 465 -19.82 1.20 4.47
CA TRP A 465 -20.94 0.86 5.34
C TRP A 465 -21.64 -0.38 4.84
N VAL A 466 -21.86 -1.32 5.73
CA VAL A 466 -22.59 -2.54 5.43
C VAL A 466 -23.67 -2.70 6.48
N GLU A 467 -24.69 -3.48 6.13
N GLU A 467 -24.68 -3.50 6.14
CA GLU A 467 -25.83 -3.70 7.02
CA GLU A 467 -25.85 -3.70 6.98
C GLU A 467 -26.29 -5.16 6.89
C GLU A 467 -26.33 -5.14 6.88
N TRP A 468 -26.86 -5.67 7.98
CA TRP A 468 -27.34 -7.04 8.03
C TRP A 468 -28.34 -7.18 9.18
N ASP A 469 -29.07 -8.30 9.17
CA ASP A 469 -30.00 -8.64 10.24
C ASP A 469 -29.28 -9.53 11.25
N PRO A 470 -28.94 -9.04 12.45
CA PRO A 470 -28.15 -9.87 13.37
C PRO A 470 -28.86 -11.17 13.75
N ALA A 471 -30.19 -11.19 13.76
CA ALA A 471 -30.93 -12.40 14.12
C ALA A 471 -30.72 -13.51 13.11
N GLN A 472 -30.29 -13.18 11.89
CA GLN A 472 -29.98 -14.16 10.86
C GLN A 472 -28.49 -14.47 10.78
N ASN A 473 -27.68 -13.94 11.69
CA ASN A 473 -26.27 -14.30 11.75
C ASN A 473 -26.13 -15.82 11.75
N PRO A 474 -25.32 -16.40 10.84
CA PRO A 474 -25.13 -17.86 10.85
C PRO A 474 -24.83 -18.44 12.21
N GLU A 475 -23.99 -17.78 13.02
CA GLU A 475 -23.60 -18.31 14.32
C GLU A 475 -24.75 -18.31 15.32
N ARG A 476 -25.93 -17.83 14.93
CA ARG A 476 -27.11 -17.92 15.76
C ARG A 476 -28.07 -19.01 15.32
N ARG A 477 -27.71 -19.76 14.29
CA ARG A 477 -28.62 -20.75 13.71
C ARG A 477 -28.49 -22.10 14.42
CHA HEM B . 7.06 -2.41 -1.75
CHB HEM B . 2.26 -2.27 -2.47
CHC HEM B . 1.67 -4.70 1.65
CHD HEM B . 6.37 -4.21 2.70
C1A HEM B . 5.83 -2.17 -2.33
C2A HEM B . 5.57 -1.49 -3.59
C3A HEM B . 4.25 -1.44 -3.78
C4A HEM B . 3.62 -2.10 -2.65
CMA HEM B . 3.48 -0.82 -4.97
CAA HEM B . 6.66 -0.92 -4.54
CBA HEM B . 6.75 -1.85 -5.74
CGA HEM B . 7.92 -1.51 -6.63
O1A HEM B . 8.46 -0.38 -6.56
O2A HEM B . 8.32 -2.40 -7.44
C1B HEM B . 1.67 -3.01 -1.46
C2B HEM B . 0.30 -3.49 -1.42
C3B HEM B . 0.16 -4.17 -0.26
C4B HEM B . 1.42 -4.13 0.43
CMB HEM B . -0.77 -3.24 -2.51
CAB HEM B . -1.09 -4.90 0.30
CBB HEM B . -2.08 -5.31 -0.49
C1C HEM B . 2.87 -4.78 2.30
C2C HEM B . 3.10 -5.38 3.60
C3C HEM B . 4.39 -5.21 3.89
C4C HEM B . 5.03 -4.54 2.78
CMC HEM B . 2.00 -6.03 4.46
CAC HEM B . 5.14 -5.70 5.14
CBC HEM B . 4.71 -6.76 5.83
C1D HEM B . 6.97 -3.65 1.59
C2D HEM B . 8.35 -3.24 1.49
C3D HEM B . 8.54 -2.74 0.27
C4D HEM B . 7.29 -2.82 -0.46
CMD HEM B . 9.41 -3.36 2.61
CAD HEM B . 9.86 -2.18 -0.29
CBD HEM B . 10.50 -3.24 -1.19
CGD HEM B . 11.69 -2.66 -1.89
O1D HEM B . 11.66 -1.47 -2.27
O2D HEM B . 12.68 -3.39 -2.07
NA HEM B . 4.61 -2.52 -1.79
NB HEM B . 2.33 -3.42 -0.33
NC HEM B . 4.08 -4.28 1.83
ND HEM B . 6.36 -3.38 0.39
FE HEM B . 4.34 -3.47 0.00
HHB HEM B . 1.67 -1.82 -3.11
HHC HEM B . 0.90 -5.12 2.11
HHD HEM B . 6.94 -4.39 3.48
HMA HEM B . 3.76 0.11 -5.09
HMAA HEM B . 2.51 -0.84 -4.79
HMAB HEM B . 3.67 -1.33 -5.79
HAA HEM B . 7.51 -0.88 -4.08
HAAA HEM B . 6.41 -0.03 -4.83
HBA HEM B . 5.93 -1.78 -6.25
HBAA HEM B . 6.86 -2.77 -5.42
HMB HEM B . -0.59 -2.39 -2.95
HMBA HEM B . -1.65 -3.23 -2.11
HMBB HEM B . -0.72 -3.96 -3.17
HAB HEM B . -1.14 -5.06 1.25
HBB HEM B . -2.84 -5.77 -0.10
HBBA HEM B . -2.04 -5.16 -1.44
HMC HEM B . 1.15 -5.59 4.30
HMCA HEM B . 2.23 -5.95 5.40
HMCB HEM B . 1.92 -6.98 4.22
HAC HEM B . 5.93 -5.23 5.43
HBC HEM B . 5.19 -7.06 6.63
HBCA HEM B . 3.91 -7.22 5.54
HMD HEM B . 10.31 -3.20 2.23
HMDA HEM B . 9.38 -4.25 3.01
HMDB HEM B . 9.23 -2.68 3.30
HAD HEM B . 10.47 -1.97 0.45
HADA HEM B . 9.69 -1.38 -0.81
HBD HEM B . 9.85 -3.53 -1.84
HBDA HEM B . 10.77 -3.99 -0.64
HHA HEM B . 7.85 -2.30 -2.33
#